data_4DB4
#
_entry.id   4DB4
#
_cell.length_a   43.696
_cell.length_b   70.112
_cell.length_c   214.661
_cell.angle_alpha   90.00
_cell.angle_beta   90.00
_cell.angle_gamma   90.00
#
_symmetry.space_group_name_H-M   'P 21 21 21'
#
loop_
_entity.id
_entity.type
_entity.pdbx_description
1 polymer 'ATP-dependent RNA helicase MSS116, mitochondrial'
2 polymer "5'-R(*GP*GP*GP*CP*GP*GP*G)-D(P*CP*CP*CP*GP*CP*CP*C)-3'"
#
loop_
_entity_poly.entity_id
_entity_poly.type
_entity_poly.pdbx_seq_one_letter_code
_entity_poly.pdbx_strand_id
1 'polypeptide(L)'
;SIDQSVVISEKFANSIFAAVEHIKKQIKERDSNYKAIIFAPTVKFTSFLCSILKNEFKKDLPILEFHGKITQNKRTSLVK
RFKKDESGILVCTDVGARGMDFPNVHEVLQIGVPSELANYIHRIGRTARSGKEGSSVLFICKDELPFVRELEDAKNIVIA
KQEKYEPSEEIKSEVLEAVTEEPEDISDIVISLISSYRSCIKEYRFSERRILPEIASTYGVLLNDPQLKIPVSRRFLDKL
GLSRSPIGKAMFEIRD
;
A,B
2 'polydeoxyribonucleotide/polyribonucleotide hybrid' GGGCGGG(DC)(DC)(DC)(DG)(DC)(DC)(DC) C,D,E,F
#
loop_
_chem_comp.id
_chem_comp.type
_chem_comp.name
_chem_comp.formula
C RNA linking CYTIDINE-5'-MONOPHOSPHATE 'C9 H14 N3 O8 P'
DC DNA linking 2'-DEOXYCYTIDINE-5'-MONOPHOSPHATE 'C9 H14 N3 O7 P'
DG DNA linking 2'-DEOXYGUANOSINE-5'-MONOPHOSPHATE 'C10 H14 N5 O7 P'
G RNA linking GUANOSINE-5'-MONOPHOSPHATE 'C10 H14 N5 O8 P'
#
# COMPACT_ATOMS: atom_id res chain seq x y z
N SER A 1 -31.39 13.56 6.07
CA SER A 1 -30.97 13.40 4.68
C SER A 1 -29.45 13.54 4.57
N ILE A 2 -28.96 13.76 3.35
CA ILE A 2 -27.53 13.87 3.07
C ILE A 2 -26.91 15.09 3.75
N ASP A 3 -25.87 14.86 4.54
CA ASP A 3 -25.14 15.94 5.21
C ASP A 3 -24.11 16.59 4.29
N GLN A 4 -24.51 17.69 3.66
CA GLN A 4 -23.72 18.36 2.64
C GLN A 4 -22.72 19.35 3.25
N SER A 5 -21.53 19.45 2.65
CA SER A 5 -20.56 20.49 3.02
C SER A 5 -19.68 20.90 1.83
N VAL A 6 -19.02 22.05 1.94
CA VAL A 6 -18.09 22.55 0.92
C VAL A 6 -16.75 23.03 1.50
N VAL A 7 -15.66 22.66 0.83
CA VAL A 7 -14.31 23.06 1.24
C VAL A 7 -13.73 23.97 0.15
N ILE A 8 -13.48 25.23 0.51
CA ILE A 8 -13.11 26.26 -0.45
C ILE A 8 -11.62 26.59 -0.34
N SER A 9 -10.87 26.33 -1.42
CA SER A 9 -9.45 26.64 -1.45
C SER A 9 -9.16 27.92 -2.23
N GLU A 10 -7.94 28.42 -2.11
CA GLU A 10 -7.52 29.61 -2.86
C GLU A 10 -7.25 29.31 -4.33
N LYS A 11 -6.73 28.12 -4.59
CA LYS A 11 -6.31 27.70 -5.93
C LYS A 11 -6.96 26.35 -6.25
N PHE A 12 -7.26 26.12 -7.52
CA PHE A 12 -7.87 24.86 -7.93
C PHE A 12 -7.06 23.65 -7.46
N ALA A 13 -5.75 23.67 -7.70
CA ALA A 13 -4.90 22.55 -7.34
C ALA A 13 -4.98 22.23 -5.85
N ASN A 14 -5.23 23.23 -5.03
CA ASN A 14 -5.36 23.00 -3.60
C ASN A 14 -6.52 22.06 -3.25
N SER A 15 -7.52 21.99 -4.11
CA SER A 15 -8.65 21.09 -3.91
C SER A 15 -8.21 19.62 -3.93
N ILE A 16 -7.15 19.35 -4.69
CA ILE A 16 -6.54 18.02 -4.71
C ILE A 16 -5.99 17.70 -3.32
N PHE A 17 -5.24 18.63 -2.75
CA PHE A 17 -4.62 18.42 -1.44
C PHE A 17 -5.68 18.31 -0.34
N ALA A 18 -6.72 19.13 -0.45
CA ALA A 18 -7.84 19.09 0.48
C ALA A 18 -8.45 17.71 0.51
N ALA A 19 -8.72 17.15 -0.67
CA ALA A 19 -9.30 15.82 -0.78
C ALA A 19 -8.39 14.77 -0.16
N VAL A 20 -7.09 14.87 -0.42
CA VAL A 20 -6.12 13.93 0.15
C VAL A 20 -6.06 13.95 1.69
N GLU A 21 -6.08 15.12 2.29
CA GLU A 21 -5.98 15.20 3.76
C GLU A 21 -7.26 14.74 4.44
N HIS A 22 -8.37 15.05 3.81
CA HIS A 22 -9.67 14.60 4.26
C HIS A 22 -9.69 13.07 4.23
N ILE A 23 -9.25 12.49 3.12
CA ILE A 23 -9.23 11.04 2.96
C ILE A 23 -8.28 10.40 3.97
N LYS A 24 -7.14 11.04 4.19
CA LYS A 24 -6.15 10.58 5.16
C LYS A 24 -6.77 10.52 6.55
N LYS A 25 -7.52 11.56 6.89
CA LYS A 25 -8.18 11.64 8.19
C LYS A 25 -9.26 10.58 8.33
N GLN A 26 -10.03 10.33 7.27
CA GLN A 26 -11.07 9.31 7.32
C GLN A 26 -10.50 7.90 7.48
N ILE A 27 -9.39 7.63 6.80
CA ILE A 27 -8.70 6.34 6.92
C ILE A 27 -8.21 6.11 8.35
N LYS A 28 -7.67 7.18 8.95
CA LYS A 28 -7.18 7.11 10.32
C LYS A 28 -8.34 6.87 11.28
N GLU A 29 -9.35 7.73 11.22
CA GLU A 29 -10.46 7.68 12.17
C GLU A 29 -11.31 6.42 12.02
N ARG A 30 -11.44 5.92 10.79
CA ARG A 30 -12.23 4.71 10.54
C ARG A 30 -11.41 3.42 10.49
N ASP A 31 -10.11 3.49 10.80
CA ASP A 31 -9.24 2.32 10.78
C ASP A 31 -9.34 1.56 9.44
N SER A 32 -9.31 2.31 8.34
CA SER A 32 -9.40 1.77 6.98
C SER A 32 -10.74 1.14 6.59
N ASN A 33 -11.75 1.23 7.46
CA ASN A 33 -13.10 0.78 7.12
C ASN A 33 -13.82 1.93 6.41
N TYR A 34 -13.44 2.15 5.16
CA TYR A 34 -13.87 3.35 4.43
C TYR A 34 -14.22 3.03 2.98
N LYS A 35 -15.48 3.26 2.61
CA LYS A 35 -15.98 3.07 1.27
C LYS A 35 -16.55 4.41 0.78
N ALA A 36 -15.96 4.95 -0.28
CA ALA A 36 -16.28 6.29 -0.75
C ALA A 36 -16.29 6.38 -2.28
N ILE A 37 -17.05 7.33 -2.81
CA ILE A 37 -17.05 7.62 -4.24
C ILE A 37 -16.62 9.07 -4.41
N ILE A 38 -15.67 9.29 -5.31
CA ILE A 38 -15.18 10.63 -5.64
C ILE A 38 -15.37 10.97 -7.13
N PHE A 39 -16.10 12.05 -7.39
CA PHE A 39 -16.36 12.47 -8.77
C PHE A 39 -15.33 13.48 -9.26
N ALA A 40 -15.04 13.43 -10.55
CA ALA A 40 -14.13 14.39 -11.19
C ALA A 40 -14.57 14.82 -12.58
N PRO A 41 -14.00 15.92 -13.10
CA PRO A 41 -14.59 16.53 -14.30
C PRO A 41 -14.27 15.81 -15.62
N THR A 42 -13.07 15.25 -15.74
CA THR A 42 -12.63 14.62 -16.99
C THR A 42 -12.02 13.23 -16.81
N VAL A 43 -11.96 12.49 -17.91
CA VAL A 43 -11.35 11.16 -17.94
C VAL A 43 -9.86 11.17 -17.57
N LYS A 44 -9.10 12.02 -18.26
CA LYS A 44 -7.66 12.13 -18.01
C LYS A 44 -7.34 12.50 -16.56
N PHE A 45 -8.14 13.39 -16.00
CA PHE A 45 -7.96 13.82 -14.62
C PHE A 45 -8.37 12.71 -13.64
N THR A 46 -9.43 11.98 -13.99
CA THR A 46 -9.83 10.83 -13.19
C THR A 46 -8.71 9.81 -13.10
N SER A 47 -8.08 9.53 -14.25
CA SER A 47 -6.95 8.60 -14.28
C SER A 47 -5.79 9.10 -13.43
N PHE A 48 -5.48 10.39 -13.58
CA PHE A 48 -4.46 11.03 -12.77
C PHE A 48 -4.77 10.99 -11.28
N LEU A 49 -5.99 11.40 -10.94
CA LEU A 49 -6.44 11.41 -9.57
C LEU A 49 -6.34 9.99 -9.02
N CYS A 50 -6.66 9.00 -9.85
CA CYS A 50 -6.58 7.60 -9.47
C CYS A 50 -5.14 7.14 -9.25
N SER A 51 -4.22 7.65 -10.06
CA SER A 51 -2.80 7.33 -9.93
C SER A 51 -2.26 7.80 -8.58
N ILE A 52 -2.64 9.01 -8.19
CA ILE A 52 -2.22 9.58 -6.90
C ILE A 52 -2.73 8.78 -5.72
N LEU A 53 -4.01 8.41 -5.79
CA LEU A 53 -4.65 7.68 -4.71
C LEU A 53 -4.08 6.28 -4.56
N LYS A 54 -3.68 5.67 -5.66
CA LYS A 54 -3.01 4.38 -5.60
C LYS A 54 -1.67 4.50 -4.88
N ASN A 55 -0.88 5.50 -5.27
CA ASN A 55 0.40 5.78 -4.62
C ASN A 55 0.29 6.07 -3.13
N GLU A 56 -0.75 6.81 -2.75
CA GLU A 56 -1.00 7.19 -1.37
C GLU A 56 -1.60 6.10 -0.47
N PHE A 57 -2.55 5.36 -1.02
CA PHE A 57 -3.51 4.57 -0.26
C PHE A 57 -3.62 3.09 -0.65
N LYS A 58 -2.85 2.64 -1.62
CA LYS A 58 -2.96 1.25 -2.06
C LYS A 58 -2.74 0.26 -0.93
N LYS A 59 -1.91 0.60 0.05
CA LYS A 59 -1.73 -0.27 1.22
C LYS A 59 -2.96 -0.35 2.14
N ASP A 60 -3.84 0.63 2.08
CA ASP A 60 -5.00 0.70 2.98
C ASP A 60 -6.34 0.30 2.37
N LEU A 61 -6.57 0.67 1.11
CA LEU A 61 -7.86 0.45 0.47
C LEU A 61 -7.68 0.22 -1.02
N PRO A 62 -8.61 -0.53 -1.64
CA PRO A 62 -8.64 -0.63 -3.10
C PRO A 62 -9.06 0.67 -3.78
N ILE A 63 -8.45 1.02 -4.90
CA ILE A 63 -8.83 2.21 -5.67
C ILE A 63 -9.30 1.78 -7.06
N LEU A 64 -10.55 2.12 -7.40
CA LEU A 64 -11.16 1.69 -8.67
C LEU A 64 -11.44 2.85 -9.62
N GLU A 65 -11.04 2.69 -10.88
CA GLU A 65 -11.19 3.74 -11.91
C GLU A 65 -12.35 3.45 -12.87
N PHE A 66 -13.30 4.36 -12.93
CA PHE A 66 -14.61 4.22 -13.59
C PHE A 66 -14.91 5.42 -14.48
N HIS A 67 -14.92 5.24 -15.80
CA HIS A 67 -15.28 6.31 -16.72
C HIS A 67 -15.82 5.86 -18.09
N GLY A 68 -16.25 6.84 -18.90
CA GLY A 68 -16.95 6.57 -20.17
C GLY A 68 -16.33 5.89 -21.36
N LYS A 69 -15.02 5.74 -21.34
CA LYS A 69 -14.32 4.99 -22.37
C LYS A 69 -14.00 3.55 -21.94
N ILE A 70 -14.37 3.17 -20.72
CA ILE A 70 -14.30 1.76 -20.31
C ILE A 70 -15.42 0.90 -20.91
N THR A 71 -15.01 -0.29 -21.33
CA THR A 71 -15.89 -1.29 -21.95
C THR A 71 -17.03 -1.71 -21.03
N GLN A 72 -18.16 -2.10 -21.59
CA GLN A 72 -19.31 -2.46 -20.77
C GLN A 72 -19.05 -3.70 -19.90
N ASN A 73 -18.32 -4.67 -20.45
CA ASN A 73 -17.88 -5.83 -19.68
C ASN A 73 -17.09 -5.51 -18.41
N LYS A 74 -16.20 -4.52 -18.51
CA LYS A 74 -15.32 -4.14 -17.42
C LYS A 74 -16.06 -3.29 -16.40
N ARG A 75 -16.97 -2.46 -16.90
CA ARG A 75 -17.88 -1.71 -16.05
C ARG A 75 -18.62 -2.61 -15.08
N THR A 76 -19.22 -3.66 -15.61
CA THR A 76 -20.04 -4.59 -14.81
C THR A 76 -19.20 -5.31 -13.76
N SER A 77 -18.02 -5.78 -14.14
CA SER A 77 -17.17 -6.51 -13.22
C SER A 77 -16.65 -5.58 -12.11
N LEU A 78 -16.38 -4.32 -12.45
CA LEU A 78 -15.95 -3.34 -11.45
C LEU A 78 -17.08 -2.92 -10.52
N VAL A 79 -18.30 -2.87 -11.05
CA VAL A 79 -19.49 -2.63 -10.25
C VAL A 79 -19.70 -3.76 -9.26
N LYS A 80 -19.60 -4.99 -9.77
CA LYS A 80 -19.68 -6.19 -8.95
C LYS A 80 -18.70 -6.15 -7.79
N ARG A 81 -17.46 -5.76 -8.09
CA ARG A 81 -16.41 -5.72 -7.07
C ARG A 81 -16.70 -4.67 -6.01
N PHE A 82 -17.08 -3.47 -6.42
CA PHE A 82 -17.29 -2.37 -5.48
C PHE A 82 -18.57 -2.56 -4.67
N LYS A 83 -19.52 -3.28 -5.24
CA LYS A 83 -20.71 -3.73 -4.54
C LYS A 83 -20.37 -4.64 -3.37
N LYS A 84 -19.44 -5.58 -3.61
CA LYS A 84 -19.08 -6.57 -2.61
C LYS A 84 -18.12 -6.02 -1.55
N ASP A 85 -17.27 -5.07 -1.93
CA ASP A 85 -16.18 -4.66 -1.05
C ASP A 85 -16.70 -3.92 0.18
N GLU A 86 -16.02 -4.11 1.31
CA GLU A 86 -16.39 -3.45 2.56
C GLU A 86 -15.83 -2.03 2.58
N SER A 87 -14.80 -1.80 1.78
CA SER A 87 -14.07 -0.53 1.78
C SER A 87 -13.43 -0.35 0.40
N GLY A 88 -12.89 0.83 0.15
CA GLY A 88 -12.29 1.17 -1.13
C GLY A 88 -12.80 2.51 -1.65
N ILE A 89 -12.11 3.04 -2.65
CA ILE A 89 -12.48 4.31 -3.27
C ILE A 89 -12.76 4.20 -4.76
N LEU A 90 -13.97 4.57 -5.17
CA LEU A 90 -14.32 4.62 -6.59
C LEU A 90 -14.12 6.04 -7.11
N VAL A 91 -13.23 6.19 -8.09
CA VAL A 91 -12.92 7.49 -8.67
C VAL A 91 -13.54 7.54 -10.06
N CYS A 92 -14.46 8.48 -10.29
CA CYS A 92 -15.22 8.49 -11.53
C CYS A 92 -15.66 9.87 -12.01
N THR A 93 -16.03 9.91 -13.27
CA THR A 93 -16.71 11.04 -13.91
C THR A 93 -18.22 10.94 -13.73
N ASP A 94 -18.92 11.85 -14.39
CA ASP A 94 -20.39 11.89 -14.45
C ASP A 94 -20.95 10.64 -15.17
N VAL A 95 -20.07 9.74 -15.61
CA VAL A 95 -20.44 8.41 -16.06
C VAL A 95 -21.34 7.65 -15.10
N GLY A 96 -21.18 7.89 -13.81
CA GLY A 96 -22.01 7.23 -12.84
C GLY A 96 -23.08 8.24 -12.50
N ALA A 97 -23.29 8.50 -11.21
CA ALA A 97 -24.35 9.40 -10.74
C ALA A 97 -25.77 8.87 -10.98
N ARG A 98 -26.06 8.20 -12.10
CA ARG A 98 -27.45 7.81 -12.40
C ARG A 98 -27.57 6.29 -12.32
N GLY A 99 -28.64 5.87 -11.65
CA GLY A 99 -29.19 4.54 -11.64
C GLY A 99 -28.44 3.60 -10.69
N MET A 100 -27.11 3.65 -10.71
CA MET A 100 -26.29 2.71 -9.95
C MET A 100 -26.51 2.82 -8.44
N ASP A 101 -26.75 1.70 -7.79
CA ASP A 101 -27.11 1.63 -6.37
C ASP A 101 -25.95 0.97 -5.62
N PHE A 102 -25.07 1.77 -5.01
CA PHE A 102 -23.96 1.22 -4.22
C PHE A 102 -24.13 1.32 -2.70
N PRO A 103 -24.40 0.17 -2.05
CA PRO A 103 -24.70 0.09 -0.61
C PRO A 103 -23.59 0.57 0.33
N ASN A 104 -23.97 1.24 1.40
CA ASN A 104 -23.08 1.56 2.52
C ASN A 104 -21.87 2.42 2.16
N VAL A 105 -22.05 3.38 1.26
CA VAL A 105 -21.07 4.44 1.04
C VAL A 105 -21.12 5.43 2.20
N HIS A 106 -19.97 5.73 2.81
CA HIS A 106 -19.97 6.68 3.92
C HIS A 106 -20.02 8.11 3.40
N GLU A 107 -19.25 8.37 2.33
CA GLU A 107 -19.08 9.72 1.82
C GLU A 107 -19.02 9.80 0.30
N VAL A 108 -19.58 10.88 -0.24
CA VAL A 108 -19.40 11.24 -1.64
C VAL A 108 -18.54 12.49 -1.71
N LEU A 109 -17.46 12.44 -2.48
CA LEU A 109 -16.59 13.59 -2.66
C LEU A 109 -16.71 14.06 -4.10
N GLN A 110 -16.61 15.37 -4.29
CA GLN A 110 -16.60 15.96 -5.62
C GLN A 110 -15.43 16.91 -5.73
N ILE A 111 -14.58 16.71 -6.74
CA ILE A 111 -13.56 17.71 -7.06
C ILE A 111 -14.02 18.57 -8.21
N GLY A 112 -14.31 19.81 -7.87
CA GLY A 112 -14.80 20.79 -8.81
C GLY A 112 -16.27 20.59 -9.16
N VAL A 113 -16.73 21.36 -10.13
CA VAL A 113 -18.16 21.40 -10.43
C VAL A 113 -18.57 20.36 -11.48
N PRO A 114 -19.85 19.91 -11.45
CA PRO A 114 -20.41 19.01 -12.47
C PRO A 114 -20.63 19.68 -13.83
N SER A 115 -20.93 18.88 -14.86
CA SER A 115 -21.18 19.39 -16.20
C SER A 115 -22.55 20.08 -16.33
N GLU A 116 -23.37 19.98 -15.28
CA GLU A 116 -24.66 20.67 -15.24
C GLU A 116 -25.14 20.66 -13.79
N LEU A 117 -25.96 21.65 -13.45
CA LEU A 117 -26.41 21.83 -12.07
C LEU A 117 -27.06 20.57 -11.50
N ALA A 118 -28.01 20.03 -12.25
CA ALA A 118 -28.72 18.82 -11.85
C ALA A 118 -27.78 17.66 -11.51
N ASN A 119 -26.62 17.59 -12.15
CA ASN A 119 -25.72 16.48 -11.87
C ASN A 119 -25.11 16.54 -10.48
N TYR A 120 -25.25 17.66 -9.79
CA TYR A 120 -24.92 17.73 -8.37
C TYR A 120 -25.84 16.82 -7.57
N ILE A 121 -27.13 16.89 -7.89
CA ILE A 121 -28.18 16.12 -7.22
C ILE A 121 -28.03 14.61 -7.44
N HIS A 122 -27.68 14.21 -8.66
CA HIS A 122 -27.54 12.78 -8.98
C HIS A 122 -26.31 12.23 -8.30
N ARG A 123 -25.22 12.99 -8.36
CA ARG A 123 -24.00 12.66 -7.65
C ARG A 123 -24.28 12.32 -6.18
N ILE A 124 -24.91 13.23 -5.46
CA ILE A 124 -25.13 13.02 -4.02
C ILE A 124 -26.14 11.92 -3.71
N GLY A 125 -27.08 11.69 -4.63
CA GLY A 125 -28.00 10.58 -4.48
C GLY A 125 -27.46 9.17 -4.55
N ARG A 126 -26.17 9.01 -4.82
CA ARG A 126 -25.54 7.69 -4.72
C ARG A 126 -25.38 7.16 -3.31
N THR A 127 -25.37 8.04 -2.32
CA THR A 127 -25.37 7.58 -0.92
C THR A 127 -26.74 7.74 -0.29
N ALA A 128 -26.88 7.23 0.93
CA ALA A 128 -28.13 7.34 1.68
C ALA A 128 -29.30 6.80 0.87
N ARG A 129 -29.15 5.60 0.31
CA ARG A 129 -30.21 5.01 -0.51
C ARG A 129 -30.98 3.96 0.27
N SER A 130 -30.29 3.26 1.17
CA SER A 130 -30.97 2.22 1.93
C SER A 130 -30.75 2.45 3.42
N GLY A 131 -31.24 3.58 3.90
CA GLY A 131 -31.25 3.83 5.33
C GLY A 131 -30.00 4.32 6.03
N LYS A 132 -28.87 4.32 5.35
CA LYS A 132 -27.62 4.70 6.00
C LYS A 132 -27.49 6.20 6.09
N GLU A 133 -26.59 6.65 6.96
CA GLU A 133 -26.29 8.05 7.10
C GLU A 133 -25.31 8.31 5.98
N GLY A 134 -25.00 9.58 5.73
CA GLY A 134 -24.04 9.89 4.70
C GLY A 134 -23.73 11.36 4.66
N SER A 135 -22.58 11.65 4.06
CA SER A 135 -22.10 12.99 3.87
C SER A 135 -21.65 13.22 2.44
N SER A 136 -21.56 14.48 2.07
CA SER A 136 -21.00 14.82 0.78
C SER A 136 -20.15 16.06 0.97
N VAL A 137 -19.04 16.10 0.23
CA VAL A 137 -18.13 17.23 0.26
C VAL A 137 -17.79 17.72 -1.14
N LEU A 138 -17.98 19.02 -1.36
CA LEU A 138 -17.64 19.64 -2.63
C LEU A 138 -16.33 20.42 -2.46
N PHE A 139 -15.28 19.98 -3.14
CA PHE A 139 -13.99 20.67 -3.10
C PHE A 139 -13.84 21.58 -4.30
N ILE A 140 -13.91 22.88 -4.03
CA ILE A 140 -13.77 23.92 -5.06
C ILE A 140 -12.79 24.99 -4.62
N CYS A 141 -12.36 25.82 -5.58
CA CYS A 141 -11.53 26.99 -5.30
C CYS A 141 -12.40 28.24 -5.32
N LYS A 142 -11.84 29.34 -4.83
CA LYS A 142 -12.57 30.60 -4.69
C LYS A 142 -13.28 31.02 -5.98
N ASP A 143 -12.61 30.87 -7.12
CA ASP A 143 -13.16 31.30 -8.41
C ASP A 143 -14.32 30.45 -8.94
N GLU A 144 -14.63 29.35 -8.26
CA GLU A 144 -15.82 28.54 -8.56
C GLU A 144 -17.05 28.84 -7.68
N LEU A 145 -16.93 29.79 -6.77
CA LEU A 145 -18.02 30.11 -5.84
C LEU A 145 -19.39 30.48 -6.42
N PRO A 146 -19.44 31.09 -7.62
CA PRO A 146 -20.78 31.39 -8.17
C PRO A 146 -21.67 30.17 -8.37
N PHE A 147 -21.07 28.99 -8.50
CA PHE A 147 -21.83 27.73 -8.50
C PHE A 147 -22.67 27.54 -7.24
N VAL A 148 -22.07 27.76 -6.07
CA VAL A 148 -22.79 27.61 -4.80
C VAL A 148 -23.92 28.63 -4.67
N ARG A 149 -23.69 29.82 -5.21
CA ARG A 149 -24.73 30.85 -5.28
C ARG A 149 -25.85 30.40 -6.22
N GLU A 150 -25.46 29.77 -7.32
CA GLU A 150 -26.42 29.26 -8.30
C GLU A 150 -27.28 28.12 -7.76
N LEU A 151 -26.72 27.30 -6.87
CA LEU A 151 -27.51 26.28 -6.18
C LEU A 151 -28.66 26.86 -5.36
N GLU A 152 -28.41 27.97 -4.68
CA GLU A 152 -29.45 28.64 -3.90
C GLU A 152 -30.51 29.23 -4.82
N ASP A 153 -30.06 29.89 -5.88
CA ASP A 153 -30.98 30.56 -6.80
C ASP A 153 -31.83 29.61 -7.64
N ALA A 154 -31.22 28.60 -8.23
CA ALA A 154 -31.93 27.75 -9.19
C ALA A 154 -32.62 26.52 -8.57
N LYS A 155 -31.98 25.90 -7.59
CA LYS A 155 -32.50 24.65 -7.02
C LYS A 155 -32.84 24.77 -5.54
N ASN A 156 -32.66 25.96 -4.96
CA ASN A 156 -33.01 26.19 -3.56
C ASN A 156 -32.19 25.28 -2.64
N ILE A 157 -30.95 24.97 -3.06
CA ILE A 157 -30.07 24.09 -2.29
C ILE A 157 -29.03 24.92 -1.59
N VAL A 158 -29.12 24.96 -0.26
CA VAL A 158 -28.18 25.70 0.57
C VAL A 158 -27.29 24.74 1.36
N ILE A 159 -26.00 24.77 1.06
CA ILE A 159 -25.03 23.90 1.73
C ILE A 159 -24.57 24.63 2.97
N ALA A 160 -25.01 24.16 4.13
CA ALA A 160 -24.73 24.86 5.37
C ALA A 160 -23.26 24.86 5.77
N LYS A 161 -22.61 23.71 5.72
CA LYS A 161 -21.24 23.59 6.18
C LYS A 161 -20.22 24.07 5.15
N GLN A 162 -19.65 25.24 5.41
CA GLN A 162 -18.63 25.82 4.55
C GLN A 162 -17.38 26.24 5.32
N GLU A 163 -16.20 25.89 4.81
CA GLU A 163 -14.94 26.25 5.46
C GLU A 163 -13.88 26.55 4.40
N LYS A 164 -12.84 27.26 4.81
CA LYS A 164 -11.73 27.60 3.92
C LYS A 164 -10.63 26.56 4.13
N TYR A 165 -9.75 26.42 3.15
CA TYR A 165 -8.65 25.46 3.28
C TYR A 165 -7.35 26.01 2.68
N GLU A 166 -6.25 25.81 3.41
CA GLU A 166 -4.92 26.08 2.89
C GLU A 166 -4.00 24.88 3.21
N PRO A 167 -3.34 24.33 2.18
CA PRO A 167 -2.52 23.13 2.38
C PRO A 167 -1.17 23.43 3.04
N SER A 168 -0.73 22.54 3.92
CA SER A 168 0.61 22.60 4.49
C SER A 168 1.65 22.24 3.43
N GLU A 169 2.89 22.64 3.64
CA GLU A 169 3.97 22.21 2.77
C GLU A 169 4.18 20.71 2.86
N GLU A 170 3.87 20.13 4.01
CA GLU A 170 4.02 18.70 4.23
C GLU A 170 3.13 17.92 3.29
N ILE A 171 1.86 18.29 3.22
CA ILE A 171 0.92 17.58 2.34
C ILE A 171 1.26 17.84 0.89
N LYS A 172 1.67 19.07 0.57
CA LYS A 172 2.05 19.41 -0.78
C LYS A 172 3.19 18.53 -1.25
N SER A 173 4.24 18.42 -0.43
CA SER A 173 5.37 17.56 -0.76
C SER A 173 4.91 16.10 -0.89
N GLU A 174 4.09 15.63 0.05
CA GLU A 174 3.60 14.25 0.05
C GLU A 174 2.89 13.91 -1.26
N VAL A 175 1.99 14.80 -1.68
CA VAL A 175 1.20 14.62 -2.91
C VAL A 175 2.15 14.73 -4.10
N LEU A 176 3.01 15.75 -4.13
CA LEU A 176 3.86 15.97 -5.29
C LEU A 176 4.81 14.78 -5.38
N GLU A 177 5.20 14.22 -4.25
CA GLU A 177 6.18 13.13 -4.26
C GLU A 177 5.51 11.91 -4.88
N ALA A 178 4.17 11.84 -4.79
CA ALA A 178 3.48 10.71 -5.36
C ALA A 178 3.11 10.92 -6.83
N VAL A 179 3.18 12.15 -7.32
CA VAL A 179 2.94 12.37 -8.75
C VAL A 179 4.09 11.73 -9.53
N THR A 180 3.82 10.72 -10.33
CA THR A 180 4.87 10.07 -11.11
C THR A 180 4.86 10.49 -12.58
N GLU A 181 3.86 11.30 -12.95
CA GLU A 181 3.69 11.77 -14.33
C GLU A 181 4.81 12.63 -14.92
N GLU A 182 5.13 12.38 -16.18
CA GLU A 182 6.06 13.22 -16.93
C GLU A 182 5.32 14.53 -17.26
N PRO A 183 6.06 15.58 -17.66
CA PRO A 183 5.43 16.85 -18.03
C PRO A 183 4.39 16.79 -19.15
N GLU A 184 4.65 15.99 -20.20
CA GLU A 184 3.71 15.84 -21.29
C GLU A 184 2.36 15.29 -20.83
N ASP A 185 2.39 14.39 -19.86
CA ASP A 185 1.17 13.81 -19.30
C ASP A 185 0.40 14.84 -18.49
N ILE A 186 1.13 15.63 -17.70
CA ILE A 186 0.49 16.68 -16.89
C ILE A 186 -0.17 17.68 -17.83
N SER A 187 0.51 18.00 -18.92
CA SER A 187 -0.04 18.87 -19.96
C SER A 187 -1.36 18.36 -20.51
N ASP A 188 -1.39 17.08 -20.89
CA ASP A 188 -2.62 16.46 -21.40
C ASP A 188 -3.79 16.58 -20.41
N ILE A 189 -3.51 16.28 -19.14
CA ILE A 189 -4.52 16.29 -18.09
C ILE A 189 -5.11 17.68 -17.88
N VAL A 190 -4.22 18.66 -17.75
CA VAL A 190 -4.64 20.02 -17.44
C VAL A 190 -5.38 20.62 -18.61
N ILE A 191 -4.96 20.29 -19.83
CA ILE A 191 -5.66 20.76 -21.01
C ILE A 191 -7.09 20.23 -21.04
N SER A 192 -7.26 18.96 -20.67
CA SER A 192 -8.59 18.39 -20.53
C SER A 192 -9.48 19.16 -19.54
N LEU A 193 -8.91 19.58 -18.42
CA LEU A 193 -9.64 20.38 -17.44
C LEU A 193 -10.04 21.75 -17.97
N ILE A 194 -9.09 22.39 -18.62
CA ILE A 194 -9.33 23.69 -19.25
C ILE A 194 -10.54 23.63 -20.18
N SER A 195 -10.56 22.63 -21.07
CA SER A 195 -11.67 22.44 -21.99
C SER A 195 -12.99 22.20 -21.27
N SER A 196 -12.95 21.32 -20.26
CA SER A 196 -14.13 20.97 -19.49
C SER A 196 -14.75 22.19 -18.82
N TYR A 197 -13.93 22.94 -18.08
CA TYR A 197 -14.37 24.16 -17.41
C TYR A 197 -14.79 25.27 -18.34
N ARG A 198 -14.05 25.40 -19.43
CA ARG A 198 -14.33 26.38 -20.45
C ARG A 198 -15.76 26.18 -20.96
N SER A 199 -16.16 24.91 -21.06
CA SER A 199 -17.46 24.59 -21.61
C SER A 199 -18.64 24.93 -20.68
N CYS A 200 -18.38 25.10 -19.38
CA CYS A 200 -19.44 25.50 -18.45
C CYS A 200 -19.26 26.90 -17.86
N ILE A 201 -18.36 27.71 -18.44
CA ILE A 201 -18.14 29.08 -17.96
C ILE A 201 -19.39 29.97 -17.97
N LYS A 202 -20.05 30.00 -19.12
CA LYS A 202 -21.26 30.81 -19.32
C LYS A 202 -22.39 30.33 -18.44
N GLU A 203 -22.63 29.02 -18.47
CA GLU A 203 -23.70 28.42 -17.70
C GLU A 203 -23.65 28.73 -16.21
N TYR A 204 -22.46 28.70 -15.60
CA TYR A 204 -22.39 28.91 -14.15
C TYR A 204 -22.00 30.37 -13.85
N ARG A 205 -21.83 31.19 -14.87
CA ARG A 205 -21.47 32.60 -14.75
C ARG A 205 -20.13 32.88 -14.07
N PHE A 206 -19.12 32.07 -14.43
CA PHE A 206 -17.75 32.27 -13.98
C PHE A 206 -17.11 33.45 -14.70
N SER A 207 -16.06 34.03 -14.12
CA SER A 207 -15.21 34.96 -14.86
C SER A 207 -14.04 34.22 -15.54
N GLU A 208 -14.08 34.16 -16.87
CA GLU A 208 -13.05 33.46 -17.65
C GLU A 208 -11.62 33.95 -17.34
N ARG A 209 -11.45 35.26 -17.23
CA ARG A 209 -10.15 35.87 -17.01
C ARG A 209 -9.50 35.53 -15.67
N ARG A 210 -10.30 35.08 -14.71
CA ARG A 210 -9.78 34.63 -13.42
C ARG A 210 -9.65 33.11 -13.35
N ILE A 211 -10.69 32.42 -13.78
CA ILE A 211 -10.74 30.96 -13.64
C ILE A 211 -9.73 30.20 -14.51
N LEU A 212 -9.61 30.60 -15.78
CA LEU A 212 -8.76 29.87 -16.73
C LEU A 212 -7.27 29.94 -16.42
N PRO A 213 -6.75 31.14 -16.11
CA PRO A 213 -5.36 31.19 -15.66
C PRO A 213 -5.14 30.33 -14.42
N GLU A 214 -6.13 30.33 -13.52
CA GLU A 214 -6.06 29.54 -12.30
C GLU A 214 -5.98 28.05 -12.61
N ILE A 215 -6.80 27.58 -13.54
CA ILE A 215 -6.73 26.19 -13.96
C ILE A 215 -5.41 25.85 -14.64
N ALA A 216 -4.97 26.71 -15.55
CA ALA A 216 -3.71 26.49 -16.25
C ALA A 216 -2.51 26.43 -15.30
N SER A 217 -2.52 27.26 -14.26
CA SER A 217 -1.39 27.30 -13.33
C SER A 217 -1.20 26.02 -12.52
N THR A 218 -2.21 25.15 -12.53
CA THR A 218 -2.10 23.82 -11.93
C THR A 218 -0.92 23.08 -12.55
N TYR A 219 -0.66 23.34 -13.82
CA TYR A 219 0.45 22.72 -14.52
C TYR A 219 1.73 23.03 -13.78
N GLY A 220 1.94 24.31 -13.51
CA GLY A 220 3.09 24.73 -12.73
C GLY A 220 3.06 24.21 -11.31
N VAL A 221 1.89 24.16 -10.69
CA VAL A 221 1.78 23.65 -9.32
C VAL A 221 2.20 22.19 -9.18
N LEU A 222 1.69 21.33 -10.04
CA LEU A 222 2.00 19.90 -10.00
C LEU A 222 3.45 19.59 -10.35
N LEU A 223 4.04 20.43 -11.20
CA LEU A 223 5.46 20.32 -11.51
C LEU A 223 6.35 21.15 -10.56
N ASN A 224 5.74 21.69 -9.50
CA ASN A 224 6.44 22.44 -8.47
C ASN A 224 7.19 23.68 -8.98
N ASP A 225 6.64 24.34 -9.98
CA ASP A 225 7.19 25.58 -10.50
C ASP A 225 6.03 26.49 -10.89
N PRO A 226 5.57 27.33 -9.95
CA PRO A 226 4.33 28.10 -10.14
C PRO A 226 4.37 29.25 -11.14
N GLN A 227 5.54 29.54 -11.71
CA GLN A 227 5.62 30.52 -12.79
C GLN A 227 5.79 29.85 -14.15
N LEU A 228 5.70 28.53 -14.17
CA LEU A 228 5.74 27.76 -15.40
C LEU A 228 4.38 27.75 -16.08
N LYS A 229 4.37 28.10 -17.37
CA LYS A 229 3.15 28.04 -18.16
C LYS A 229 3.19 26.78 -19.01
N ILE A 230 2.05 26.40 -19.54
CA ILE A 230 1.91 25.16 -20.30
C ILE A 230 2.51 25.24 -21.71
N PRO A 231 3.53 24.41 -22.00
CA PRO A 231 4.14 24.44 -23.35
C PRO A 231 3.25 23.82 -24.43
N VAL A 232 3.01 24.56 -25.51
CA VAL A 232 2.15 24.07 -26.61
C VAL A 232 2.67 24.52 -27.97
N SER A 233 2.02 24.06 -29.04
CA SER A 233 2.38 24.49 -30.39
C SER A 233 1.42 25.58 -30.87
N ARG A 234 1.85 26.37 -31.85
CA ARG A 234 0.99 27.40 -32.43
C ARG A 234 -0.23 26.80 -33.14
N ARG A 235 0.02 25.74 -33.91
CA ARG A 235 -1.02 25.01 -34.61
C ARG A 235 -2.11 24.50 -33.66
N PHE A 236 -1.67 23.98 -32.53
CA PHE A 236 -2.58 23.48 -31.50
C PHE A 236 -3.44 24.59 -30.90
N LEU A 237 -2.81 25.69 -30.50
CA LEU A 237 -3.52 26.84 -29.96
C LEU A 237 -4.54 27.34 -30.98
N ASP A 238 -4.12 27.37 -32.24
CA ASP A 238 -5.00 27.66 -33.36
C ASP A 238 -6.20 26.72 -33.40
N LYS A 239 -5.93 25.42 -33.26
CA LYS A 239 -7.01 24.42 -33.22
C LYS A 239 -8.02 24.74 -32.11
N LEU A 240 -7.51 25.10 -30.93
CA LEU A 240 -8.34 25.48 -29.79
C LEU A 240 -9.09 26.78 -30.07
N GLY A 241 -8.60 27.57 -31.03
CA GLY A 241 -9.22 28.83 -31.34
C GLY A 241 -8.82 30.00 -30.46
N LEU A 242 -7.58 29.96 -29.97
CA LEU A 242 -7.10 30.96 -29.03
C LEU A 242 -5.83 31.62 -29.59
N SER A 243 -5.56 31.40 -30.88
CA SER A 243 -4.31 31.86 -31.48
C SER A 243 -4.17 33.38 -31.51
N ARG A 244 -5.30 34.09 -31.58
CA ARG A 244 -5.29 35.55 -31.59
C ARG A 244 -5.85 36.14 -30.29
N SER A 245 -6.15 35.28 -29.32
CA SER A 245 -6.85 35.66 -28.10
C SER A 245 -5.89 35.98 -26.96
N PRO A 246 -6.20 37.03 -26.17
CA PRO A 246 -5.40 37.23 -24.96
C PRO A 246 -5.65 36.08 -23.97
N ILE A 247 -5.11 36.14 -22.75
CA ILE A 247 -5.37 35.13 -21.71
C ILE A 247 -4.58 33.85 -22.01
N GLY A 248 -4.62 33.37 -23.25
CA GLY A 248 -3.89 32.18 -23.65
C GLY A 248 -2.40 32.42 -23.48
N LYS A 249 -1.95 33.64 -23.70
CA LYS A 249 -0.54 33.97 -23.49
C LYS A 249 -0.19 33.85 -22.00
N ALA A 250 -1.16 34.11 -21.12
CA ALA A 250 -0.93 33.99 -19.68
C ALA A 250 -0.97 32.54 -19.21
N MET A 251 -1.50 31.64 -20.04
CA MET A 251 -1.71 30.24 -19.67
C MET A 251 -0.64 29.36 -20.31
N PHE A 252 -0.22 29.70 -21.53
CA PHE A 252 0.60 28.84 -22.38
C PHE A 252 1.89 29.49 -22.81
N GLU A 253 2.86 28.64 -23.15
CA GLU A 253 4.10 29.08 -23.76
C GLU A 253 4.28 28.36 -25.10
N ILE A 254 4.41 29.14 -26.17
CA ILE A 254 4.64 28.61 -27.51
C ILE A 254 6.08 28.09 -27.72
N ARG A 255 6.36 26.85 -27.35
CA ARG A 255 7.66 26.26 -27.69
C ARG A 255 7.50 25.40 -28.93
N ASP A 256 7.23 26.07 -30.05
CA ASP A 256 6.97 25.40 -31.32
C ASP A 256 8.23 25.36 -32.18
N SER B 1 -2.50 -30.19 -5.82
CA SER B 1 -2.32 -29.82 -4.42
C SER B 1 -1.31 -28.66 -4.31
N ILE B 2 -0.78 -28.43 -3.12
CA ILE B 2 0.12 -27.31 -2.87
C ILE B 2 1.44 -27.48 -3.62
N ASP B 3 1.82 -26.45 -4.37
CA ASP B 3 3.06 -26.44 -5.14
C ASP B 3 4.24 -26.02 -4.26
N GLN B 4 4.96 -27.01 -3.73
CA GLN B 4 6.01 -26.76 -2.76
C GLN B 4 7.38 -26.51 -3.42
N SER B 5 8.17 -25.63 -2.82
CA SER B 5 9.54 -25.40 -3.28
C SER B 5 10.46 -24.95 -2.12
N VAL B 6 11.77 -25.01 -2.34
CA VAL B 6 12.75 -24.59 -1.33
C VAL B 6 13.87 -23.75 -1.94
N VAL B 7 14.24 -22.67 -1.25
CA VAL B 7 15.32 -21.79 -1.67
C VAL B 7 16.46 -21.88 -0.66
N ILE B 8 17.61 -22.38 -1.11
CA ILE B 8 18.72 -22.69 -0.23
C ILE B 8 19.83 -21.65 -0.35
N SER B 9 20.12 -20.95 0.73
CA SER B 9 21.18 -19.95 0.76
C SER B 9 22.44 -20.49 1.43
N GLU B 10 23.54 -19.74 1.31
CA GLU B 10 24.80 -20.12 1.95
C GLU B 10 24.79 -19.78 3.43
N LYS B 11 24.16 -18.65 3.77
CA LYS B 11 24.10 -18.17 5.14
C LYS B 11 22.66 -17.96 5.55
N PHE B 12 22.37 -18.06 6.85
CA PHE B 12 21.01 -17.88 7.33
C PHE B 12 20.46 -16.53 6.94
N ALA B 13 21.23 -15.47 7.20
CA ALA B 13 20.78 -14.11 6.92
C ALA B 13 20.38 -13.94 5.46
N ASN B 14 21.00 -14.69 4.57
CA ASN B 14 20.66 -14.60 3.15
C ASN B 14 19.21 -15.01 2.87
N SER B 15 18.63 -15.84 3.74
CA SER B 15 17.24 -16.23 3.58
C SER B 15 16.30 -15.03 3.72
N ILE B 16 16.73 -14.03 4.48
CA ILE B 16 15.99 -12.79 4.60
C ILE B 16 15.95 -12.09 3.25
N PHE B 17 17.11 -11.97 2.62
CA PHE B 17 17.21 -11.29 1.33
C PHE B 17 16.46 -12.05 0.25
N ALA B 18 16.52 -13.38 0.31
CA ALA B 18 15.81 -14.24 -0.63
C ALA B 18 14.31 -13.97 -0.57
N ALA B 19 13.78 -13.90 0.65
CA ALA B 19 12.37 -13.63 0.85
C ALA B 19 11.99 -12.26 0.31
N VAL B 20 12.85 -11.27 0.52
CA VAL B 20 12.58 -9.91 0.05
C VAL B 20 12.54 -9.80 -1.48
N GLU B 21 13.48 -10.44 -2.18
CA GLU B 21 13.52 -10.37 -3.64
C GLU B 21 12.35 -11.10 -4.25
N HIS B 22 12.01 -12.24 -3.66
CA HIS B 22 10.87 -13.02 -4.09
C HIS B 22 9.60 -12.18 -3.95
N ILE B 23 9.44 -11.53 -2.80
CA ILE B 23 8.28 -10.70 -2.54
C ILE B 23 8.24 -9.51 -3.51
N LYS B 24 9.41 -8.93 -3.77
CA LYS B 24 9.52 -7.82 -4.69
C LYS B 24 9.05 -8.24 -6.09
N LYS B 25 9.45 -9.44 -6.49
CA LYS B 25 9.07 -9.98 -7.79
C LYS B 25 7.57 -10.24 -7.88
N GLN B 26 6.99 -10.75 -6.79
CA GLN B 26 5.56 -11.04 -6.78
C GLN B 26 4.73 -9.76 -6.83
N ILE B 27 5.18 -8.72 -6.14
CA ILE B 27 4.49 -7.43 -6.17
C ILE B 27 4.52 -6.84 -7.57
N LYS B 28 5.66 -6.98 -8.24
CA LYS B 28 5.80 -6.48 -9.60
C LYS B 28 4.90 -7.25 -10.56
N GLU B 29 5.02 -8.57 -10.56
CA GLU B 29 4.29 -9.42 -11.49
C GLU B 29 2.78 -9.39 -11.26
N ARG B 30 2.37 -9.26 -10.00
CA ARG B 30 0.95 -9.25 -9.66
C ARG B 30 0.37 -7.84 -9.53
N ASP B 31 1.16 -6.80 -9.80
CA ASP B 31 0.68 -5.42 -9.70
C ASP B 31 0.08 -5.13 -8.33
N SER B 32 0.77 -5.58 -7.28
CA SER B 32 0.35 -5.38 -5.89
C SER B 32 -0.91 -6.14 -5.47
N ASN B 33 -1.45 -6.98 -6.33
CA ASN B 33 -2.56 -7.85 -5.95
C ASN B 33 -1.98 -9.12 -5.35
N TYR B 34 -1.51 -9.00 -4.11
CA TYR B 34 -0.74 -10.05 -3.46
C TYR B 34 -1.11 -10.23 -1.99
N LYS B 35 -1.68 -11.38 -1.66
CA LYS B 35 -2.01 -11.76 -0.30
C LYS B 35 -1.20 -12.99 0.10
N ALA B 36 -0.35 -12.86 1.11
CA ALA B 36 0.57 -13.93 1.49
C ALA B 36 0.73 -14.04 3.01
N ILE B 37 1.12 -15.23 3.47
CA ILE B 37 1.44 -15.45 4.87
C ILE B 37 2.87 -15.93 4.96
N ILE B 38 3.65 -15.31 5.86
CA ILE B 38 5.04 -15.70 6.07
C ILE B 38 5.30 -16.10 7.52
N PHE B 39 5.80 -17.31 7.71
CA PHE B 39 6.07 -17.84 9.04
C PHE B 39 7.51 -17.58 9.47
N ALA B 40 7.71 -17.42 10.78
CA ALA B 40 9.04 -17.19 11.32
C ALA B 40 9.22 -17.88 12.68
N PRO B 41 10.49 -18.07 13.11
CA PRO B 41 10.72 -18.92 14.29
C PRO B 41 10.38 -18.29 15.65
N THR B 42 10.61 -16.99 15.81
CA THR B 42 10.43 -16.33 17.11
C THR B 42 9.64 -15.03 17.02
N VAL B 43 9.14 -14.59 18.17
CA VAL B 43 8.38 -13.35 18.29
C VAL B 43 9.23 -12.13 17.92
N LYS B 44 10.41 -12.02 18.53
CA LYS B 44 11.29 -10.89 18.30
C LYS B 44 11.69 -10.77 16.83
N PHE B 45 11.93 -11.91 16.20
CA PHE B 45 12.32 -11.93 14.79
C PHE B 45 11.12 -11.62 13.89
N THR B 46 9.93 -12.05 14.30
CA THR B 46 8.70 -11.73 13.59
C THR B 46 8.51 -10.22 13.56
N SER B 47 8.70 -9.58 14.72
CA SER B 47 8.58 -8.14 14.82
C SER B 47 9.62 -7.43 13.95
N PHE B 48 10.83 -7.95 13.97
CA PHE B 48 11.92 -7.42 13.15
C PHE B 48 11.62 -7.59 11.67
N LEU B 49 11.27 -8.81 11.29
CA LEU B 49 10.91 -9.12 9.93
C LEU B 49 9.76 -8.21 9.48
N CYS B 50 8.83 -7.94 10.39
CA CYS B 50 7.70 -7.07 10.11
C CYS B 50 8.14 -5.61 9.92
N SER B 51 9.14 -5.18 10.69
CA SER B 51 9.67 -3.82 10.57
C SER B 51 10.28 -3.60 9.20
N ILE B 52 11.04 -4.58 8.71
CA ILE B 52 11.67 -4.51 7.40
C ILE B 52 10.63 -4.41 6.29
N LEU B 53 9.62 -5.27 6.37
CA LEU B 53 8.60 -5.33 5.32
C LEU B 53 7.76 -4.07 5.28
N LYS B 54 7.57 -3.42 6.43
CA LYS B 54 6.88 -2.14 6.47
C LYS B 54 7.71 -1.08 5.75
N ASN B 55 9.01 -1.03 6.05
CA ASN B 55 9.92 -0.09 5.39
C ASN B 55 10.00 -0.30 3.88
N GLU B 56 9.97 -1.57 3.46
CA GLU B 56 10.09 -1.93 2.05
C GLU B 56 8.80 -1.76 1.25
N PHE B 57 7.68 -2.15 1.86
CA PHE B 57 6.45 -2.42 1.11
C PHE B 57 5.19 -1.71 1.63
N LYS B 58 5.33 -0.82 2.61
CA LYS B 58 4.16 -0.16 3.17
C LYS B 58 3.39 0.63 2.11
N LYS B 59 4.08 1.11 1.08
CA LYS B 59 3.41 1.82 -0.01
C LYS B 59 2.58 0.92 -0.92
N ASP B 60 2.89 -0.38 -0.92
CA ASP B 60 2.25 -1.33 -1.84
C ASP B 60 1.18 -2.21 -1.18
N LEU B 61 1.45 -2.69 0.03
CA LEU B 61 0.57 -3.65 0.69
C LEU B 61 0.54 -3.41 2.20
N PRO B 62 -0.57 -3.80 2.86
CA PRO B 62 -0.58 -3.80 4.32
C PRO B 62 0.27 -4.93 4.91
N ILE B 63 0.97 -4.67 6.01
CA ILE B 63 1.78 -5.68 6.69
C ILE B 63 1.24 -5.88 8.12
N LEU B 64 0.84 -7.11 8.43
CA LEU B 64 0.20 -7.41 9.72
C LEU B 64 1.05 -8.34 10.58
N GLU B 65 1.21 -7.98 11.86
CA GLU B 65 2.05 -8.76 12.79
C GLU B 65 1.20 -9.58 13.75
N PHE B 66 1.45 -10.89 13.78
CA PHE B 66 0.61 -11.86 14.48
C PHE B 66 1.44 -12.87 15.27
N HIS B 67 1.34 -12.85 16.59
CA HIS B 67 2.12 -13.76 17.44
C HIS B 67 1.52 -14.01 18.84
N GLY B 68 2.13 -14.92 19.59
CA GLY B 68 1.57 -15.47 20.82
C GLY B 68 1.40 -14.58 22.05
N LYS B 69 2.10 -13.45 22.09
CA LYS B 69 1.90 -12.46 23.15
C LYS B 69 0.86 -11.38 22.83
N ILE B 70 0.24 -11.44 21.66
CA ILE B 70 -0.85 -10.54 21.31
C ILE B 70 -2.16 -10.95 21.99
N THR B 71 -2.91 -9.96 22.45
CA THR B 71 -4.15 -10.17 23.18
C THR B 71 -5.21 -10.80 22.28
N GLN B 72 -6.14 -11.55 22.87
CA GLN B 72 -7.17 -12.24 22.08
C GLN B 72 -8.06 -11.28 21.31
N ASN B 73 -8.36 -10.14 21.89
CA ASN B 73 -9.16 -9.11 21.22
C ASN B 73 -8.50 -8.59 19.94
N LYS B 74 -7.19 -8.39 20.00
CA LYS B 74 -6.43 -7.86 18.87
C LYS B 74 -6.24 -8.92 17.79
N ARG B 75 -6.06 -10.16 18.22
CA ARG B 75 -5.98 -11.29 17.31
C ARG B 75 -7.20 -11.33 16.41
N THR B 76 -8.38 -11.27 17.03
CA THR B 76 -9.63 -11.38 16.30
C THR B 76 -9.83 -10.24 15.31
N SER B 77 -9.49 -9.02 15.71
CA SER B 77 -9.67 -7.87 14.83
C SER B 77 -8.68 -7.92 13.67
N LEU B 78 -7.49 -8.46 13.90
CA LEU B 78 -6.49 -8.58 12.84
C LEU B 78 -6.85 -9.72 11.89
N VAL B 79 -7.48 -10.78 12.42
CA VAL B 79 -7.97 -11.86 11.60
C VAL B 79 -9.10 -11.34 10.71
N LYS B 80 -10.00 -10.56 11.30
CA LYS B 80 -11.10 -9.95 10.56
C LYS B 80 -10.58 -9.10 9.40
N ARG B 81 -9.52 -8.33 9.67
CA ARG B 81 -8.96 -7.45 8.65
C ARG B 81 -8.32 -8.23 7.51
N PHE B 82 -7.51 -9.24 7.84
CA PHE B 82 -6.80 -10.00 6.83
C PHE B 82 -7.75 -10.89 6.04
N LYS B 83 -8.86 -11.28 6.66
CA LYS B 83 -9.91 -12.01 5.98
C LYS B 83 -10.54 -11.15 4.88
N LYS B 84 -10.76 -9.87 5.18
CA LYS B 84 -11.43 -8.96 4.26
C LYS B 84 -10.50 -8.44 3.17
N ASP B 85 -9.23 -8.25 3.48
CA ASP B 85 -8.31 -7.60 2.56
C ASP B 85 -8.06 -8.41 1.29
N GLU B 86 -7.94 -7.70 0.17
CA GLU B 86 -7.65 -8.34 -1.11
C GLU B 86 -6.17 -8.67 -1.24
N SER B 87 -5.35 -7.96 -0.47
CA SER B 87 -3.90 -8.10 -0.54
C SER B 87 -3.29 -7.75 0.82
N GLY B 88 -2.00 -8.00 0.98
CA GLY B 88 -1.33 -7.76 2.26
C GLY B 88 -0.48 -8.95 2.67
N ILE B 89 0.39 -8.74 3.65
CA ILE B 89 1.27 -9.80 4.13
C ILE B 89 1.13 -10.01 5.64
N LEU B 90 0.76 -11.23 6.02
CA LEU B 90 0.68 -11.61 7.42
C LEU B 90 1.99 -12.28 7.85
N VAL B 91 2.68 -11.66 8.81
CA VAL B 91 3.94 -12.17 9.32
C VAL B 91 3.71 -12.77 10.70
N CYS B 92 3.96 -14.06 10.86
CA CYS B 92 3.61 -14.73 12.10
C CYS B 92 4.52 -15.89 12.50
N THR B 93 4.34 -16.33 13.74
CA THR B 93 4.98 -17.50 14.28
C THR B 93 4.07 -18.71 14.09
N ASP B 94 4.44 -19.84 14.70
CA ASP B 94 3.58 -21.03 14.74
C ASP B 94 2.30 -20.80 15.56
N VAL B 95 2.10 -19.60 16.09
CA VAL B 95 0.84 -19.17 16.66
C VAL B 95 -0.36 -19.47 15.74
N GLY B 96 -0.14 -19.35 14.44
CA GLY B 96 -1.16 -19.64 13.46
C GLY B 96 -1.05 -21.09 13.08
N ALA B 97 -1.04 -21.36 11.78
CA ALA B 97 -0.92 -22.72 11.25
C ALA B 97 -2.14 -23.61 11.50
N ARG B 98 -2.77 -23.55 12.67
CA ARG B 98 -3.88 -24.44 13.01
C ARG B 98 -5.21 -23.71 13.04
N GLY B 99 -6.20 -24.31 12.40
CA GLY B 99 -7.59 -23.90 12.51
C GLY B 99 -7.99 -22.74 11.62
N MET B 100 -7.21 -21.67 11.63
CA MET B 100 -7.55 -20.45 10.93
C MET B 100 -7.65 -20.65 9.41
N ASP B 101 -8.76 -20.19 8.85
CA ASP B 101 -9.04 -20.37 7.43
C ASP B 101 -9.02 -19.02 6.71
N PHE B 102 -7.90 -18.74 6.02
CA PHE B 102 -7.72 -17.47 5.32
C PHE B 102 -7.87 -17.63 3.79
N PRO B 103 -8.98 -17.11 3.23
CA PRO B 103 -9.30 -17.30 1.80
C PRO B 103 -8.33 -16.60 0.83
N ASN B 104 -8.08 -17.27 -0.30
CA ASN B 104 -7.38 -16.66 -1.43
C ASN B 104 -5.96 -16.17 -1.13
N VAL B 105 -5.22 -16.94 -0.34
CA VAL B 105 -3.78 -16.73 -0.17
C VAL B 105 -3.07 -17.30 -1.40
N HIS B 106 -2.21 -16.51 -2.04
CA HIS B 106 -1.47 -17.00 -3.20
C HIS B 106 -0.29 -17.86 -2.76
N GLU B 107 0.41 -17.43 -1.72
CA GLU B 107 1.64 -18.07 -1.31
C GLU B 107 1.83 -18.13 0.20
N VAL B 108 2.44 -19.22 0.66
CA VAL B 108 2.90 -19.33 2.04
C VAL B 108 4.43 -19.36 2.03
N LEU B 109 5.04 -18.46 2.77
CA LEU B 109 6.49 -18.41 2.88
C LEU B 109 6.89 -18.85 4.27
N GLN B 110 8.07 -19.48 4.38
CA GLN B 110 8.60 -19.88 5.67
C GLN B 110 10.06 -19.51 5.73
N ILE B 111 10.44 -18.72 6.73
CA ILE B 111 11.85 -18.44 6.98
C ILE B 111 12.36 -19.37 8.05
N GLY B 112 13.18 -20.33 7.61
CA GLY B 112 13.76 -21.28 8.53
C GLY B 112 12.79 -22.39 8.85
N VAL B 113 13.20 -23.27 9.77
CA VAL B 113 12.43 -24.48 10.08
C VAL B 113 11.42 -24.26 11.21
N PRO B 114 10.33 -25.05 11.21
CA PRO B 114 9.33 -25.01 12.29
C PRO B 114 9.82 -25.66 13.59
N SER B 115 9.05 -25.49 14.67
CA SER B 115 9.40 -26.06 15.97
C SER B 115 9.20 -27.57 16.04
N GLU B 116 8.54 -28.15 15.03
CA GLU B 116 8.38 -29.59 14.92
C GLU B 116 8.05 -29.92 13.47
N LEU B 117 8.36 -31.14 13.06
CA LEU B 117 8.17 -31.56 11.67
C LEU B 117 6.74 -31.36 11.20
N ALA B 118 5.79 -31.82 12.00
CA ALA B 118 4.37 -31.72 11.67
C ALA B 118 3.92 -30.29 11.41
N ASN B 119 4.56 -29.32 12.06
CA ASN B 119 4.17 -27.93 11.87
C ASN B 119 4.49 -27.40 10.46
N TYR B 120 5.29 -28.14 9.70
CA TYR B 120 5.44 -27.83 8.29
C TYR B 120 4.12 -28.05 7.56
N ILE B 121 3.46 -29.15 7.89
CA ILE B 121 2.21 -29.55 7.25
C ILE B 121 1.07 -28.58 7.58
N HIS B 122 0.99 -28.14 8.83
CA HIS B 122 -0.06 -27.22 9.24
C HIS B 122 0.15 -25.85 8.61
N ARG B 123 1.41 -25.42 8.58
CA ARG B 123 1.78 -24.17 7.91
C ARG B 123 1.27 -24.13 6.48
N ILE B 124 1.60 -25.15 5.68
CA ILE B 124 1.22 -25.16 4.27
C ILE B 124 -0.28 -25.34 4.06
N GLY B 125 -0.94 -25.97 5.02
CA GLY B 125 -2.39 -26.16 4.94
C GLY B 125 -3.23 -24.89 5.06
N ARG B 126 -2.60 -23.75 5.32
CA ARG B 126 -3.34 -22.49 5.37
C ARG B 126 -3.78 -21.99 3.99
N THR B 127 -3.12 -22.46 2.93
CA THR B 127 -3.54 -22.13 1.57
C THR B 127 -4.23 -23.32 0.91
N ALA B 128 -4.80 -23.09 -0.26
CA ALA B 128 -5.48 -24.14 -1.01
C ALA B 128 -6.54 -24.85 -0.17
N ARG B 129 -7.38 -24.06 0.50
CA ARG B 129 -8.43 -24.62 1.36
C ARG B 129 -9.79 -24.63 0.66
N SER B 130 -10.05 -23.63 -0.17
CA SER B 130 -11.31 -23.53 -0.89
C SER B 130 -11.06 -23.43 -2.36
N GLY B 131 -10.31 -24.40 -2.87
CA GLY B 131 -10.21 -24.62 -4.30
C GLY B 131 -9.24 -23.78 -5.09
N LYS B 132 -8.56 -22.84 -4.44
CA LYS B 132 -7.60 -22.01 -5.13
C LYS B 132 -6.29 -22.77 -5.33
N GLU B 133 -5.49 -22.31 -6.29
CA GLU B 133 -4.15 -22.84 -6.46
C GLU B 133 -3.31 -22.21 -5.37
N GLY B 134 -2.09 -22.69 -5.21
CA GLY B 134 -1.24 -22.15 -4.18
C GLY B 134 0.16 -22.70 -4.24
N SER B 135 1.08 -21.94 -3.67
CA SER B 135 2.48 -22.33 -3.60
C SER B 135 2.98 -22.17 -2.19
N SER B 136 4.08 -22.84 -1.89
CA SER B 136 4.78 -22.62 -0.65
C SER B 136 6.27 -22.60 -0.90
N VAL B 137 6.98 -21.76 -0.16
CA VAL B 137 8.42 -21.64 -0.30
C VAL B 137 9.10 -21.69 1.07
N LEU B 138 10.06 -22.60 1.20
CA LEU B 138 10.85 -22.72 2.42
C LEU B 138 12.22 -22.08 2.19
N PHE B 139 12.49 -20.99 2.90
CA PHE B 139 13.79 -20.32 2.81
C PHE B 139 14.71 -20.79 3.94
N ILE B 140 15.71 -21.58 3.58
CA ILE B 140 16.69 -22.07 4.55
C ILE B 140 18.11 -21.86 4.05
N CYS B 141 19.08 -22.05 4.93
CA CYS B 141 20.49 -22.01 4.55
C CYS B 141 21.02 -23.43 4.48
N LYS B 142 22.23 -23.58 3.94
CA LYS B 142 22.84 -24.89 3.71
C LYS B 142 22.85 -25.78 4.96
N ASP B 143 23.16 -25.18 6.11
CA ASP B 143 23.28 -25.93 7.36
C ASP B 143 21.95 -26.43 7.93
N GLU B 144 20.83 -26.04 7.32
CA GLU B 144 19.51 -26.54 7.71
C GLU B 144 19.02 -27.70 6.83
N LEU B 145 19.83 -28.14 5.87
CA LEU B 145 19.39 -29.14 4.89
C LEU B 145 18.93 -30.49 5.45
N PRO B 146 19.47 -30.94 6.59
CA PRO B 146 19.00 -32.22 7.12
C PRO B 146 17.49 -32.27 7.39
N PHE B 147 16.86 -31.10 7.56
CA PHE B 147 15.42 -31.01 7.70
C PHE B 147 14.70 -31.54 6.46
N VAL B 148 15.17 -31.15 5.28
CA VAL B 148 14.56 -31.58 4.03
C VAL B 148 14.73 -33.08 3.84
N ARG B 149 15.88 -33.61 4.27
CA ARG B 149 16.11 -35.05 4.26
C ARG B 149 15.16 -35.75 5.23
N GLU B 150 14.93 -35.10 6.37
CA GLU B 150 14.03 -35.65 7.39
C GLU B 150 12.58 -35.68 6.93
N LEU B 151 12.19 -34.74 6.07
CA LEU B 151 10.86 -34.76 5.48
C LEU B 151 10.62 -36.00 4.64
N GLU B 152 11.63 -36.40 3.87
CA GLU B 152 11.53 -37.60 3.05
C GLU B 152 11.46 -38.85 3.93
N ASP B 153 12.31 -38.89 4.95
CA ASP B 153 12.40 -40.06 5.81
C ASP B 153 11.18 -40.27 6.71
N ALA B 154 10.72 -39.21 7.36
CA ALA B 154 9.69 -39.33 8.40
C ALA B 154 8.26 -39.18 7.87
N LYS B 155 8.04 -38.24 6.96
CA LYS B 155 6.69 -37.95 6.46
C LYS B 155 6.51 -38.26 4.97
N ASN B 156 7.56 -38.76 4.32
CA ASN B 156 7.50 -39.08 2.90
C ASN B 156 7.15 -37.87 2.04
N ILE B 157 7.59 -36.70 2.48
CA ILE B 157 7.35 -35.45 1.77
C ILE B 157 8.59 -35.05 0.99
N VAL B 158 8.49 -35.09 -0.33
CA VAL B 158 9.59 -34.71 -1.21
C VAL B 158 9.26 -33.39 -1.91
N ILE B 159 10.06 -32.37 -1.61
CA ILE B 159 9.86 -31.06 -2.21
C ILE B 159 10.64 -31.04 -3.52
N ALA B 160 9.92 -31.10 -4.64
CA ALA B 160 10.57 -31.20 -5.93
C ALA B 160 11.42 -29.97 -6.22
N LYS B 161 10.80 -28.79 -6.25
CA LYS B 161 11.48 -27.57 -6.66
C LYS B 161 12.53 -27.07 -5.65
N GLN B 162 13.81 -27.22 -6.00
CA GLN B 162 14.91 -26.75 -5.16
C GLN B 162 15.90 -25.93 -5.99
N GLU B 163 16.34 -24.79 -5.44
CA GLU B 163 17.33 -23.96 -6.11
C GLU B 163 18.24 -23.29 -5.08
N LYS B 164 19.40 -22.85 -5.53
CA LYS B 164 20.34 -22.14 -4.67
C LYS B 164 20.12 -20.65 -4.82
N TYR B 165 20.57 -19.87 -3.84
CA TYR B 165 20.41 -18.42 -3.88
C TYR B 165 21.62 -17.69 -3.33
N GLU B 166 22.04 -16.64 -4.03
CA GLU B 166 23.07 -15.74 -3.55
C GLU B 166 22.59 -14.29 -3.78
N PRO B 167 22.57 -13.47 -2.72
CA PRO B 167 22.04 -12.11 -2.84
C PRO B 167 23.02 -11.13 -3.50
N SER B 168 22.48 -10.22 -4.30
CA SER B 168 23.27 -9.15 -4.88
C SER B 168 23.64 -8.15 -3.80
N GLU B 169 24.65 -7.32 -4.06
CA GLU B 169 24.99 -6.24 -3.14
C GLU B 169 23.87 -5.20 -3.12
N GLU B 170 23.15 -5.09 -4.24
CA GLU B 170 22.06 -4.13 -4.35
C GLU B 170 20.95 -4.46 -3.36
N ILE B 171 20.53 -5.71 -3.31
CA ILE B 171 19.47 -6.11 -2.39
C ILE B 171 19.97 -6.05 -0.95
N LYS B 172 21.22 -6.43 -0.73
CA LYS B 172 21.80 -6.38 0.61
C LYS B 172 21.75 -4.94 1.12
N SER B 173 22.22 -4.00 0.32
CA SER B 173 22.17 -2.59 0.70
C SER B 173 20.73 -2.14 0.94
N GLU B 174 19.84 -2.51 0.03
CA GLU B 174 18.42 -2.11 0.13
C GLU B 174 17.81 -2.57 1.45
N VAL B 175 18.06 -3.82 1.80
CA VAL B 175 17.51 -4.39 3.04
C VAL B 175 18.21 -3.77 4.25
N LEU B 176 19.53 -3.67 4.22
CA LEU B 176 20.27 -3.10 5.35
C LEU B 176 19.90 -1.63 5.53
N GLU B 177 19.62 -0.94 4.43
CA GLU B 177 19.22 0.46 4.52
C GLU B 177 17.87 0.59 5.23
N ALA B 178 17.03 -0.45 5.13
CA ALA B 178 15.73 -0.45 5.77
C ALA B 178 15.77 -0.90 7.23
N VAL B 179 16.85 -1.58 7.64
CA VAL B 179 17.01 -1.94 9.04
C VAL B 179 17.22 -0.66 9.86
N THR B 180 16.27 -0.33 10.72
CA THR B 180 16.37 0.86 11.56
C THR B 180 16.80 0.53 13.00
N GLU B 181 16.95 -0.75 13.30
CA GLU B 181 17.26 -1.21 14.66
C GLU B 181 18.64 -0.79 15.17
N GLU B 182 18.70 -0.44 16.45
CA GLU B 182 19.97 -0.22 17.13
C GLU B 182 20.63 -1.56 17.40
N PRO B 183 21.93 -1.57 17.72
CA PRO B 183 22.64 -2.83 17.98
C PRO B 183 22.05 -3.69 19.10
N GLU B 184 21.60 -3.06 20.19
CA GLU B 184 21.02 -3.79 21.31
C GLU B 184 19.77 -4.56 20.89
N ASP B 185 19.00 -3.99 19.97
CA ASP B 185 17.80 -4.65 19.47
C ASP B 185 18.13 -5.83 18.57
N ILE B 186 19.16 -5.66 17.74
CA ILE B 186 19.61 -6.74 16.86
C ILE B 186 20.10 -7.89 17.73
N SER B 187 20.80 -7.56 18.81
CA SER B 187 21.28 -8.55 19.76
C SER B 187 20.14 -9.37 20.34
N ASP B 188 19.08 -8.68 20.79
CA ASP B 188 17.91 -9.35 21.37
C ASP B 188 17.28 -10.33 20.38
N ILE B 189 17.13 -9.88 19.13
CA ILE B 189 16.49 -10.69 18.09
C ILE B 189 17.30 -11.94 17.79
N VAL B 190 18.60 -11.77 17.55
CA VAL B 190 19.45 -12.88 17.15
C VAL B 190 19.57 -13.88 18.29
N ILE B 191 19.63 -13.39 19.53
CA ILE B 191 19.68 -14.28 20.67
C ILE B 191 18.42 -15.14 20.74
N SER B 192 17.28 -14.55 20.40
CA SER B 192 16.03 -15.32 20.36
C SER B 192 16.09 -16.44 19.33
N LEU B 193 16.75 -16.18 18.20
CA LEU B 193 16.86 -17.19 17.13
C LEU B 193 17.79 -18.31 17.57
N ILE B 194 18.90 -17.93 18.21
CA ILE B 194 19.87 -18.89 18.71
C ILE B 194 19.18 -19.88 19.65
N SER B 195 18.40 -19.37 20.59
CA SER B 195 17.68 -20.22 21.54
C SER B 195 16.66 -21.12 20.84
N SER B 196 15.92 -20.55 19.89
CA SER B 196 14.91 -21.29 19.15
C SER B 196 15.53 -22.47 18.40
N TYR B 197 16.57 -22.19 17.63
CA TYR B 197 17.24 -23.22 16.84
C TYR B 197 17.99 -24.23 17.71
N ARG B 198 18.60 -23.74 18.78
CA ARG B 198 19.28 -24.60 19.72
C ARG B 198 18.33 -25.66 20.26
N SER B 199 17.07 -25.28 20.44
CA SER B 199 16.08 -26.19 21.02
C SER B 199 15.62 -27.30 20.07
N CYS B 200 15.89 -27.17 18.77
CA CYS B 200 15.53 -28.22 17.81
C CYS B 200 16.75 -28.82 17.09
N ILE B 201 17.95 -28.60 17.63
CA ILE B 201 19.17 -29.14 17.03
C ILE B 201 19.16 -30.67 16.99
N LYS B 202 18.89 -31.28 18.15
CA LYS B 202 18.90 -32.74 18.26
C LYS B 202 17.79 -33.36 17.43
N GLU B 203 16.60 -32.79 17.51
CA GLU B 203 15.43 -33.32 16.84
C GLU B 203 15.63 -33.42 15.32
N TYR B 204 16.22 -32.39 14.71
CA TYR B 204 16.40 -32.38 13.26
C TYR B 204 17.79 -32.87 12.85
N ARG B 205 18.63 -33.22 13.82
CA ARG B 205 19.96 -33.77 13.57
C ARG B 205 20.90 -32.77 12.89
N PHE B 206 20.86 -31.51 13.33
CA PHE B 206 21.78 -30.49 12.84
C PHE B 206 23.15 -30.65 13.50
N SER B 207 24.17 -30.05 12.91
CA SER B 207 25.48 -29.96 13.53
C SER B 207 25.60 -28.62 14.26
N GLU B 208 25.61 -28.67 15.60
CA GLU B 208 25.67 -27.45 16.42
C GLU B 208 26.85 -26.55 16.08
N ARG B 209 28.01 -27.15 15.83
CA ARG B 209 29.25 -26.40 15.62
C ARG B 209 29.25 -25.63 14.31
N ARG B 210 28.37 -25.99 13.38
CA ARG B 210 28.24 -25.26 12.12
C ARG B 210 27.06 -24.29 12.15
N ILE B 211 25.92 -24.75 12.64
CA ILE B 211 24.70 -23.95 12.59
C ILE B 211 24.71 -22.74 13.53
N LEU B 212 25.19 -22.92 14.76
CA LEU B 212 25.09 -21.85 15.75
C LEU B 212 26.00 -20.65 15.45
N PRO B 213 27.27 -20.89 15.07
CA PRO B 213 28.06 -19.75 14.61
C PRO B 213 27.43 -19.05 13.41
N GLU B 214 26.79 -19.82 12.53
CA GLU B 214 26.13 -19.27 11.36
C GLU B 214 24.97 -18.35 11.78
N ILE B 215 24.18 -18.79 12.76
CA ILE B 215 23.08 -17.97 13.26
C ILE B 215 23.60 -16.72 13.97
N ALA B 216 24.64 -16.88 14.78
CA ALA B 216 25.21 -15.76 15.51
C ALA B 216 25.79 -14.70 14.58
N SER B 217 26.40 -15.13 13.48
CA SER B 217 27.04 -14.21 12.55
C SER B 217 26.04 -13.26 11.87
N THR B 218 24.75 -13.61 11.93
CA THR B 218 23.70 -12.75 11.40
C THR B 218 23.76 -11.37 12.07
N TYR B 219 24.19 -11.36 13.33
CA TYR B 219 24.38 -10.12 14.07
C TYR B 219 25.34 -9.22 13.31
N GLY B 220 26.48 -9.78 12.93
CA GLY B 220 27.45 -9.05 12.13
C GLY B 220 26.90 -8.68 10.77
N VAL B 221 26.15 -9.59 10.14
CA VAL B 221 25.60 -9.35 8.81
C VAL B 221 24.65 -8.16 8.78
N LEU B 222 23.71 -8.12 9.72
CA LEU B 222 22.70 -7.06 9.74
C LEU B 222 23.30 -5.71 10.12
N LEU B 223 24.38 -5.73 10.89
CA LEU B 223 25.12 -4.50 11.22
C LEU B 223 26.25 -4.22 10.22
N ASN B 224 26.29 -4.99 9.13
CA ASN B 224 27.25 -4.81 8.04
C ASN B 224 28.71 -4.89 8.47
N ASP B 225 29.00 -5.76 9.44
CA ASP B 225 30.35 -6.05 9.87
C ASP B 225 30.46 -7.54 10.18
N PRO B 226 30.81 -8.37 9.17
CA PRO B 226 30.73 -9.83 9.31
C PRO B 226 31.75 -10.49 10.25
N GLN B 227 32.72 -9.74 10.76
CA GLN B 227 33.64 -10.27 11.76
C GLN B 227 33.25 -9.81 13.17
N LEU B 228 32.11 -9.14 13.29
CA LEU B 228 31.60 -8.69 14.57
C LEU B 228 30.85 -9.83 15.25
N LYS B 229 31.21 -10.10 16.50
CA LYS B 229 30.51 -11.09 17.32
C LYS B 229 29.54 -10.37 18.26
N ILE B 230 28.62 -11.12 18.84
CA ILE B 230 27.56 -10.55 19.66
C ILE B 230 28.05 -10.15 21.06
N PRO B 231 27.96 -8.86 21.41
CA PRO B 231 28.42 -8.43 22.74
C PRO B 231 27.46 -8.86 23.87
N VAL B 232 27.98 -9.53 24.90
CA VAL B 232 27.17 -9.99 26.02
C VAL B 232 27.93 -9.87 27.35
N SER B 233 27.24 -10.19 28.44
CA SER B 233 27.86 -10.20 29.77
C SER B 233 28.23 -11.63 30.16
N ARG B 234 29.16 -11.76 31.10
CA ARG B 234 29.58 -13.07 31.59
C ARG B 234 28.43 -13.75 32.35
N ARG B 235 27.74 -12.97 33.18
CA ARG B 235 26.60 -13.46 33.95
C ARG B 235 25.51 -14.01 33.03
N PHE B 236 25.28 -13.32 31.93
CA PHE B 236 24.28 -13.73 30.95
C PHE B 236 24.64 -15.04 30.27
N LEU B 237 25.89 -15.13 29.79
CA LEU B 237 26.38 -16.36 29.17
C LEU B 237 26.29 -17.51 30.16
N ASP B 238 26.58 -17.21 31.43
CA ASP B 238 26.42 -18.17 32.51
C ASP B 238 24.97 -18.62 32.63
N LYS B 239 24.05 -17.66 32.54
CA LYS B 239 22.61 -17.97 32.58
C LYS B 239 22.24 -18.93 31.45
N LEU B 240 22.75 -18.67 30.26
CA LEU B 240 22.50 -19.53 29.10
C LEU B 240 23.17 -20.88 29.28
N GLY B 241 24.19 -20.94 30.12
CA GLY B 241 24.86 -22.20 30.41
C GLY B 241 25.98 -22.48 29.43
N LEU B 242 26.62 -21.43 28.94
CA LEU B 242 27.69 -21.59 27.96
C LEU B 242 28.97 -20.93 28.46
N SER B 243 29.02 -20.65 29.77
CA SER B 243 30.14 -19.91 30.35
C SER B 243 31.47 -20.67 30.26
N ARG B 244 31.41 -22.01 30.28
CA ARG B 244 32.61 -22.83 30.18
C ARG B 244 32.68 -23.59 28.84
N SER B 245 31.75 -23.29 27.94
CA SER B 245 31.62 -24.04 26.70
C SER B 245 32.37 -23.39 25.55
N PRO B 246 32.98 -24.18 24.66
CA PRO B 246 33.53 -23.60 23.44
C PRO B 246 32.39 -23.14 22.54
N ILE B 247 32.68 -22.70 21.32
CA ILE B 247 31.64 -22.26 20.38
C ILE B 247 31.06 -20.89 20.75
N GLY B 248 30.65 -20.73 22.01
CA GLY B 248 30.19 -19.44 22.51
C GLY B 248 31.22 -18.34 22.31
N LYS B 249 32.50 -18.68 22.44
CA LYS B 249 33.56 -17.72 22.19
C LYS B 249 33.58 -17.28 20.73
N ALA B 250 33.20 -18.20 19.83
CA ALA B 250 33.13 -17.89 18.41
C ALA B 250 31.88 -17.07 18.03
N MET B 251 30.89 -17.08 18.92
CA MET B 251 29.62 -16.38 18.67
C MET B 251 29.55 -15.03 19.37
N PHE B 252 30.13 -14.95 20.57
CA PHE B 252 29.94 -13.81 21.46
C PHE B 252 31.25 -13.13 21.85
N GLU B 253 31.13 -11.88 22.27
CA GLU B 253 32.23 -11.12 22.83
C GLU B 253 31.84 -10.62 24.22
N ILE B 254 32.64 -10.97 25.22
CA ILE B 254 32.37 -10.55 26.59
C ILE B 254 32.80 -9.11 26.83
N ARG B 255 31.90 -8.16 26.58
CA ARG B 255 32.15 -6.76 26.94
C ARG B 255 31.45 -6.44 28.27
N ASP B 256 31.89 -7.11 29.31
CA ASP B 256 31.29 -6.99 30.64
C ASP B 256 32.02 -5.96 31.49
#